data_6CC2
#
_entry.id   6CC2
#
_cell.length_a   39.120
_cell.length_b   73.810
_cell.length_c   171.600
_cell.angle_alpha   90.00
_cell.angle_beta   90.00
_cell.angle_gamma   90.00
#
_symmetry.space_group_name_H-M   'P 21 21 21'
#
loop_
_entity.id
_entity.type
_entity.pdbx_description
1 polymer 'Cell division control protein 45 cdc45 putative'
2 non-polymer 1,2-ETHANEDIOL
3 non-polymer 'CHLORIDE ION'
4 non-polymer DI(HYDROXYETHYL)ETHER
5 water water
#
_entity_poly.entity_id   1
_entity_poly.type   'polypeptide(L)'
_entity_poly.pdbx_seq_one_letter_code
;(MSE)IINGTSFEELYNGLRNRGKDKKTIQLYVSPTVDAIVCYKILS(MSE)(MSE)FEKDGLLHSAVPVNNYETLSRVF
KETIGHTDVHTVFFIDCAGSIDVSELLGDIENIFVYIIDSHRPFNKLNVTNTNIGLITSNEYQQFIEQETQLEKSDLLEV
DDDLIGLNKSQSFNNCEYIRK(MSE)VDSDGEFYSESVGRVALAIAKKLNKVEND(MSE)YWYAAIGVCDQYISLKINAK
TYVHAIQYFIDNLQLETLEITDLLQTVKTP(MSE)CVK(MSE)DCQL(MSE)LLRHWTLYDSLFHTREIASKLGIWTSRG
KEKFDVLIAD(MSE)GIPLSQAQQSYKT(MSE)SLE(MSE)KNKFLLK(MSE)EGYSKFYHFENLFLPSFFKKFG(MSE)
DYSISAFDAAHAIGSIITNDEPDQNWQQQFWEGFKLLSSTTAEPYDFGFAKCIESNKNLVETGIILLLSGSCFNEANKYR
FCSVSDELLSIRFKTPYKALQLAQFLAEASSRRYKKWLPFILAVLDAEKKTFVIVGYSSPISVKTLNYFGAKFTQTAQN
(MSE)KISILQKSFDSFVTEIHRENLVKYKKALHK(CME)FTSI
;
_entity_poly.pdbx_strand_id   A
#
# COMPACT_ATOMS: atom_id res chain seq x y z
N ILE A 2 -18.60 -1.48 -18.78
CA ILE A 2 -18.69 -1.90 -17.38
C ILE A 2 -19.27 -3.32 -17.34
N ILE A 3 -18.56 -4.22 -16.65
CA ILE A 3 -19.02 -5.59 -16.42
C ILE A 3 -19.42 -5.69 -14.96
N ASN A 4 -20.64 -6.15 -14.72
CA ASN A 4 -21.17 -6.29 -13.37
C ASN A 4 -21.53 -7.76 -13.13
N GLY A 5 -22.16 -8.03 -11.99
CA GLY A 5 -22.40 -9.40 -11.59
C GLY A 5 -23.27 -10.18 -12.55
N THR A 6 -24.18 -9.51 -13.24
CA THR A 6 -25.04 -10.21 -14.19
C THR A 6 -24.26 -10.81 -15.34
N SER A 7 -22.98 -10.45 -15.52
CA SER A 7 -22.17 -10.95 -16.63
C SER A 7 -21.05 -11.88 -16.17
N PHE A 8 -20.92 -12.14 -14.87
CA PHE A 8 -19.80 -12.95 -14.40
C PHE A 8 -19.86 -14.37 -14.95
N GLU A 9 -21.07 -14.93 -15.05
CA GLU A 9 -21.22 -16.29 -15.56
C GLU A 9 -20.73 -16.37 -17.01
N GLU A 10 -21.17 -15.45 -17.86
CA GLU A 10 -20.72 -15.43 -19.24
C GLU A 10 -19.21 -15.22 -19.32
N LEU A 11 -18.67 -14.36 -18.45
CA LEU A 11 -17.23 -14.10 -18.46
C LEU A 11 -16.45 -15.37 -18.16
N TYR A 12 -16.81 -16.07 -17.09
CA TYR A 12 -16.06 -17.24 -16.67
C TYR A 12 -16.24 -18.42 -17.63
N ASN A 13 -17.43 -18.58 -18.19
CA ASN A 13 -17.61 -19.59 -19.24
C ASN A 13 -16.64 -19.35 -20.39
N GLY A 14 -16.39 -18.08 -20.72
CA GLY A 14 -15.42 -17.77 -21.76
C GLY A 14 -14.02 -18.20 -21.38
N LEU A 15 -13.63 -17.95 -20.13
CA LEU A 15 -12.34 -18.42 -19.65
C LEU A 15 -12.24 -19.93 -19.77
N ARG A 16 -13.26 -20.64 -19.30
CA ARG A 16 -13.25 -22.10 -19.39
C ARG A 16 -13.17 -22.59 -20.84
N ASN A 17 -13.98 -22.02 -21.73
CA ASN A 17 -13.99 -22.45 -23.11
C ASN A 17 -12.65 -22.20 -23.78
N ARG A 18 -12.06 -21.03 -23.55
CA ARG A 18 -10.76 -20.73 -24.14
C ARG A 18 -9.65 -21.53 -23.47
N GLY A 19 -9.84 -21.89 -22.20
CA GLY A 19 -8.83 -22.68 -21.51
C GLY A 19 -8.73 -24.11 -22.00
N LYS A 20 -9.78 -24.63 -22.64
CA LYS A 20 -9.70 -25.97 -23.20
C LYS A 20 -8.77 -26.02 -24.41
N ASP A 21 -8.61 -24.90 -25.10
CA ASP A 21 -7.80 -24.84 -26.32
C ASP A 21 -6.33 -24.57 -26.05
N LYS A 22 -5.86 -24.87 -24.84
CA LYS A 22 -4.46 -24.73 -24.45
C LYS A 22 -4.03 -23.27 -24.33
N LYS A 23 -4.96 -22.34 -24.29
CA LYS A 23 -4.64 -20.93 -24.10
C LYS A 23 -4.58 -20.59 -22.61
N THR A 24 -3.93 -19.47 -22.30
CA THR A 24 -3.64 -19.11 -20.92
C THR A 24 -4.15 -17.71 -20.57
N ILE A 25 -4.20 -17.45 -19.27
CA ILE A 25 -4.63 -16.16 -18.72
C ILE A 25 -3.41 -15.48 -18.12
N GLN A 26 -3.23 -14.19 -18.44
CA GLN A 26 -2.12 -13.39 -17.95
C GLN A 26 -2.70 -12.32 -17.04
N LEU A 27 -2.20 -12.25 -15.80
CA LEU A 27 -2.69 -11.27 -14.85
C LEU A 27 -1.57 -10.31 -14.50
N TYR A 28 -1.76 -9.04 -14.84
CA TYR A 28 -0.81 -7.98 -14.58
C TYR A 28 -1.15 -7.35 -13.22
N VAL A 29 -0.18 -7.37 -12.30
CA VAL A 29 -0.43 -7.06 -10.91
C VAL A 29 0.40 -5.85 -10.53
N SER A 30 -0.26 -4.78 -10.17
CA SER A 30 0.43 -3.60 -9.66
C SER A 30 0.81 -3.80 -8.19
N PRO A 31 1.75 -2.99 -7.66
CA PRO A 31 2.38 -3.32 -6.37
C PRO A 31 1.62 -2.85 -5.14
N THR A 32 0.46 -3.48 -4.90
CA THR A 32 -0.28 -3.28 -3.65
C THR A 32 -0.65 -4.64 -3.08
N VAL A 33 -0.80 -4.71 -1.77
CA VAL A 33 -1.21 -5.96 -1.14
C VAL A 33 -2.60 -6.34 -1.63
N ASP A 34 -3.49 -5.35 -1.77
CA ASP A 34 -4.83 -5.61 -2.32
C ASP A 34 -4.76 -6.28 -3.69
N ALA A 35 -3.85 -5.84 -4.54
CA ALA A 35 -3.69 -6.47 -5.84
C ALA A 35 -3.25 -7.93 -5.70
N ILE A 36 -2.36 -8.23 -4.76
CA ILE A 36 -1.95 -9.62 -4.55
C ILE A 36 -3.15 -10.44 -4.10
N VAL A 37 -3.96 -9.87 -3.20
CA VAL A 37 -5.17 -10.56 -2.74
C VAL A 37 -6.07 -10.90 -3.93
N CYS A 38 -6.28 -9.92 -4.83
CA CYS A 38 -7.13 -10.17 -5.99
C CYS A 38 -6.57 -11.30 -6.84
N TYR A 39 -5.28 -11.25 -7.15
CA TYR A 39 -4.64 -12.35 -7.86
C TYR A 39 -4.88 -13.68 -7.15
N LYS A 40 -4.66 -13.71 -5.83
CA LYS A 40 -4.80 -14.96 -5.07
C LYS A 40 -6.21 -15.54 -5.21
N ILE A 41 -7.22 -14.69 -5.04
CA ILE A 41 -8.60 -15.18 -5.08
C ILE A 41 -8.96 -15.68 -6.48
N LEU A 42 -8.61 -14.91 -7.51
CA LEU A 42 -8.79 -15.39 -8.87
C LEU A 42 -8.03 -16.68 -9.10
N SER A 43 -6.78 -16.75 -8.61
CA SER A 43 -5.97 -17.94 -8.88
C SER A 43 -6.55 -19.18 -8.23
N PHE A 46 -9.23 -20.32 -10.62
CA PHE A 46 -8.59 -20.85 -11.82
C PHE A 46 -7.96 -22.22 -11.57
N GLU A 47 -7.27 -22.38 -10.44
CA GLU A 47 -6.68 -23.68 -10.10
C GLU A 47 -7.74 -24.77 -10.06
N LYS A 48 -8.86 -24.49 -9.37
CA LYS A 48 -9.89 -25.51 -9.21
C LYS A 48 -10.49 -25.91 -10.55
N ASP A 49 -10.48 -25.02 -11.53
CA ASP A 49 -11.05 -25.28 -12.85
C ASP A 49 -10.01 -25.67 -13.89
N GLY A 50 -8.74 -25.79 -13.49
CA GLY A 50 -7.71 -26.21 -14.42
C GLY A 50 -7.32 -25.17 -15.44
N LEU A 51 -7.53 -23.90 -15.13
CA LEU A 51 -7.26 -22.81 -16.08
C LEU A 51 -5.81 -22.35 -15.90
N LEU A 52 -5.01 -22.52 -16.96
CA LEU A 52 -3.63 -22.08 -16.93
C LEU A 52 -3.56 -20.57 -16.83
N HIS A 53 -2.66 -20.07 -15.98
CA HIS A 53 -2.57 -18.64 -15.75
C HIS A 53 -1.16 -18.31 -15.30
N SER A 54 -0.80 -17.04 -15.45
CA SER A 54 0.53 -16.58 -15.07
C SER A 54 0.41 -15.16 -14.53
N ALA A 55 1.39 -14.78 -13.71
CA ALA A 55 1.42 -13.46 -13.13
C ALA A 55 2.45 -12.60 -13.84
N VAL A 56 2.14 -11.35 -14.06
CA VAL A 56 3.07 -10.36 -14.58
C VAL A 56 3.11 -9.19 -13.61
N PRO A 57 4.07 -9.16 -12.70
CA PRO A 57 4.18 -8.00 -11.79
C PRO A 57 4.67 -6.78 -12.54
N VAL A 58 3.87 -5.71 -12.52
CA VAL A 58 4.21 -4.48 -13.25
C VAL A 58 4.35 -3.34 -12.26
N ASN A 59 5.39 -2.53 -12.47
N ASN A 59 5.38 -2.52 -12.45
CA ASN A 59 5.70 -1.40 -11.62
CA ASN A 59 5.61 -1.38 -11.58
C ASN A 59 5.32 -0.05 -12.23
C ASN A 59 5.29 -0.04 -12.22
N ASN A 60 5.00 -0.01 -13.52
CA ASN A 60 4.59 1.22 -14.20
C ASN A 60 3.95 0.83 -15.52
N TYR A 61 3.40 1.82 -16.24
CA TYR A 61 2.70 1.51 -17.47
C TYR A 61 3.63 1.22 -18.63
N GLU A 62 4.88 1.69 -18.57
CA GLU A 62 5.85 1.34 -19.60
C GLU A 62 6.10 -0.16 -19.60
N THR A 63 6.30 -0.73 -18.41
CA THR A 63 6.52 -2.18 -18.30
C THR A 63 5.29 -2.94 -18.77
N LEU A 64 4.12 -2.53 -18.29
CA LEU A 64 2.87 -3.16 -18.72
C LEU A 64 2.80 -3.18 -20.24
N SER A 65 3.05 -2.03 -20.88
CA SER A 65 2.94 -1.95 -22.33
C SER A 65 3.96 -2.84 -23.03
N ARG A 66 5.19 -2.90 -22.49
CA ARG A 66 6.24 -3.69 -23.13
C ARG A 66 5.94 -5.18 -23.05
N VAL A 67 5.51 -5.66 -21.88
CA VAL A 67 5.21 -7.09 -21.75
C VAL A 67 4.00 -7.45 -22.61
N PHE A 68 2.95 -6.61 -22.57
CA PHE A 68 1.78 -6.85 -23.40
C PHE A 68 2.19 -7.01 -24.86
N LYS A 69 3.00 -6.08 -25.37
CA LYS A 69 3.41 -6.15 -26.77
C LYS A 69 4.21 -7.42 -27.06
N GLU A 70 5.12 -7.80 -26.15
CA GLU A 70 5.89 -9.02 -26.31
C GLU A 70 5.03 -10.28 -26.24
N THR A 71 3.90 -10.21 -25.53
CA THR A 71 3.06 -11.37 -25.29
C THR A 71 2.05 -11.59 -26.42
N ILE A 72 1.26 -10.56 -26.74
CA ILE A 72 0.17 -10.72 -27.68
C ILE A 72 0.71 -11.16 -29.03
N GLY A 73 0.13 -12.23 -29.57
CA GLY A 73 0.53 -12.77 -30.85
C GLY A 73 1.78 -13.61 -30.84
N HIS A 74 2.36 -13.88 -29.68
CA HIS A 74 3.59 -14.65 -29.59
C HIS A 74 3.51 -15.79 -28.59
N THR A 75 2.35 -16.03 -27.99
CA THR A 75 2.18 -17.13 -27.05
C THR A 75 0.69 -17.49 -27.03
N ASP A 76 0.31 -18.33 -26.05
CA ASP A 76 -1.04 -18.85 -25.96
C ASP A 76 -1.93 -18.00 -25.06
N VAL A 77 -1.56 -16.75 -24.79
CA VAL A 77 -2.36 -15.91 -23.91
C VAL A 77 -3.62 -15.48 -24.64
N HIS A 78 -4.78 -15.84 -24.09
CA HIS A 78 -6.07 -15.49 -24.65
C HIS A 78 -6.80 -14.41 -23.88
N THR A 79 -6.44 -14.18 -22.62
CA THR A 79 -7.13 -13.24 -21.77
C THR A 79 -6.07 -12.54 -20.90
N VAL A 80 -6.25 -11.25 -20.67
CA VAL A 80 -5.41 -10.53 -19.71
C VAL A 80 -6.32 -9.86 -18.69
N PHE A 81 -5.87 -9.86 -17.44
CA PHE A 81 -6.46 -9.08 -16.36
C PHE A 81 -5.44 -8.04 -15.93
N PHE A 82 -5.88 -6.79 -15.80
CA PHE A 82 -5.08 -5.72 -15.23
C PHE A 82 -5.64 -5.46 -13.83
N ILE A 83 -4.80 -5.63 -12.81
CA ILE A 83 -5.24 -5.57 -11.42
C ILE A 83 -4.68 -4.32 -10.74
N ASP A 84 -5.60 -3.47 -10.28
CA ASP A 84 -5.33 -2.22 -9.55
C ASP A 84 -4.52 -1.23 -10.39
N CYS A 85 -4.64 -1.34 -11.70
CA CYS A 85 -4.11 -0.37 -12.64
C CYS A 85 -4.94 -0.43 -13.92
N ALA A 86 -4.72 0.55 -14.78
CA ALA A 86 -5.22 0.64 -16.14
C ALA A 86 -6.63 1.17 -16.27
N GLY A 87 -7.44 1.09 -15.21
CA GLY A 87 -8.84 1.50 -15.32
C GLY A 87 -9.01 2.98 -15.63
N SER A 88 -8.10 3.83 -15.15
CA SER A 88 -8.25 5.26 -15.27
C SER A 88 -7.36 5.88 -16.35
N ILE A 89 -6.70 5.07 -17.16
CA ILE A 89 -5.95 5.59 -18.29
C ILE A 89 -6.61 5.14 -19.59
N ASP A 90 -6.22 5.76 -20.70
CA ASP A 90 -6.75 5.44 -22.02
C ASP A 90 -6.03 4.18 -22.50
N VAL A 91 -6.60 3.02 -22.17
CA VAL A 91 -5.95 1.74 -22.43
C VAL A 91 -5.76 1.51 -23.92
N SER A 92 -6.76 1.82 -24.73
CA SER A 92 -6.63 1.64 -26.17
C SER A 92 -5.48 2.46 -26.73
N GLU A 93 -5.31 3.68 -26.24
CA GLU A 93 -4.20 4.52 -26.69
C GLU A 93 -2.86 3.92 -26.27
N LEU A 94 -2.79 3.36 -25.06
CA LEU A 94 -1.53 2.82 -24.56
C LEU A 94 -1.11 1.60 -25.36
N LEU A 95 -2.03 0.66 -25.58
CA LEU A 95 -1.66 -0.64 -26.10
C LEU A 95 -2.02 -0.87 -27.55
N GLY A 96 -2.93 -0.09 -28.12
CA GLY A 96 -3.32 -0.27 -29.51
C GLY A 96 -4.04 -1.57 -29.78
N ASP A 97 -3.42 -2.46 -30.55
CA ASP A 97 -4.01 -3.76 -30.91
C ASP A 97 -4.43 -4.53 -29.67
N ILE A 98 -5.73 -4.57 -29.39
CA ILE A 98 -6.26 -5.08 -28.13
C ILE A 98 -7.47 -5.96 -28.40
N GLU A 99 -8.05 -5.82 -29.59
CA GLU A 99 -9.38 -6.35 -29.85
C GLU A 99 -9.38 -7.83 -30.23
N ASN A 100 -8.21 -8.46 -30.36
CA ASN A 100 -8.13 -9.90 -30.57
C ASN A 100 -8.12 -10.69 -29.26
N ILE A 101 -7.74 -10.05 -28.16
CA ILE A 101 -7.63 -10.70 -26.86
C ILE A 101 -8.80 -10.23 -26.00
N PHE A 102 -9.07 -10.98 -24.93
CA PHE A 102 -10.05 -10.56 -23.93
C PHE A 102 -9.32 -9.78 -22.84
N VAL A 103 -9.72 -8.53 -22.66
CA VAL A 103 -9.07 -7.60 -21.75
C VAL A 103 -10.03 -7.26 -20.63
N TYR A 104 -9.65 -7.61 -19.40
CA TYR A 104 -10.46 -7.30 -18.23
C TYR A 104 -9.63 -6.46 -17.27
N ILE A 105 -10.32 -5.55 -16.59
CA ILE A 105 -9.68 -4.64 -15.64
C ILE A 105 -10.43 -4.70 -14.32
N ILE A 106 -9.69 -4.96 -13.24
CA ILE A 106 -10.21 -4.90 -11.88
C ILE A 106 -9.33 -3.86 -11.16
N ASP A 107 -9.86 -2.65 -11.01
CA ASP A 107 -9.05 -1.51 -10.53
C ASP A 107 -9.89 -0.70 -9.56
N SER A 108 -9.29 -0.31 -8.44
CA SER A 108 -10.00 0.47 -7.44
C SER A 108 -10.01 1.98 -7.71
N HIS A 109 -9.18 2.45 -8.65
CA HIS A 109 -9.17 3.87 -8.99
C HIS A 109 -10.50 4.30 -9.61
N ARG A 110 -10.95 5.51 -9.29
CA ARG A 110 -12.12 6.10 -9.92
C ARG A 110 -11.86 7.59 -10.17
N PRO A 111 -12.53 8.19 -11.16
CA PRO A 111 -13.43 7.56 -12.15
C PRO A 111 -12.69 6.70 -13.17
N PHE A 112 -13.41 5.78 -13.81
CA PHE A 112 -12.85 5.09 -14.96
C PHE A 112 -12.63 6.07 -16.12
N ASN A 113 -11.62 5.78 -16.93
CA ASN A 113 -11.42 6.54 -18.16
C ASN A 113 -12.64 6.39 -19.08
N LYS A 114 -13.12 7.51 -19.62
CA LYS A 114 -14.36 7.48 -20.38
C LYS A 114 -14.23 6.62 -21.63
N LEU A 115 -13.06 6.64 -22.28
CA LEU A 115 -12.91 5.82 -23.47
C LEU A 115 -12.81 4.34 -23.12
N ASN A 116 -12.30 4.03 -21.93
CA ASN A 116 -12.39 2.66 -21.41
C ASN A 116 -13.84 2.25 -21.23
N VAL A 117 -14.69 3.16 -20.75
CA VAL A 117 -16.07 2.83 -20.47
C VAL A 117 -16.83 2.56 -21.77
N THR A 118 -16.57 3.36 -22.81
CA THR A 118 -17.33 3.23 -24.05
C THR A 118 -16.78 2.14 -24.98
N ASN A 119 -15.59 1.61 -24.71
CA ASN A 119 -14.98 0.60 -25.55
C ASN A 119 -15.59 -0.76 -25.23
N THR A 120 -16.25 -1.37 -26.21
CA THR A 120 -16.88 -2.67 -25.97
C THR A 120 -15.87 -3.78 -25.78
N ASN A 121 -14.59 -3.55 -26.07
CA ASN A 121 -13.55 -4.57 -25.97
C ASN A 121 -12.72 -4.46 -24.71
N ILE A 122 -13.10 -3.58 -23.79
CA ILE A 122 -12.42 -3.42 -22.52
C ILE A 122 -13.45 -3.71 -21.42
N GLY A 123 -13.18 -4.73 -20.62
CA GLY A 123 -14.11 -5.13 -19.59
C GLY A 123 -13.73 -4.60 -18.22
N LEU A 124 -14.36 -3.50 -17.81
CA LEU A 124 -14.15 -2.92 -16.48
C LEU A 124 -15.05 -3.64 -15.48
N ILE A 125 -14.45 -4.45 -14.62
CA ILE A 125 -15.21 -5.32 -13.74
C ILE A 125 -15.55 -4.57 -12.45
N THR A 126 -16.84 -4.57 -12.11
CA THR A 126 -17.31 -4.05 -10.82
C THR A 126 -18.20 -5.10 -10.18
N SER A 127 -18.40 -4.98 -8.88
CA SER A 127 -19.14 -5.98 -8.12
C SER A 127 -20.64 -5.75 -8.11
N ASN A 128 -21.12 -4.63 -8.62
CA ASN A 128 -22.56 -4.35 -8.57
C ASN A 128 -23.36 -5.46 -9.23
N GLU A 129 -24.64 -5.51 -8.89
CA GLU A 129 -25.60 -6.42 -9.53
C GLU A 129 -26.60 -5.70 -10.42
N TYR A 130 -26.67 -4.38 -10.37
CA TYR A 130 -27.65 -3.64 -11.16
C TYR A 130 -27.37 -3.76 -12.65
N VAL A 171 1.78 9.39 -18.74
CA VAL A 171 0.57 8.57 -18.79
C VAL A 171 -0.49 9.22 -17.90
N ASP A 172 -1.32 10.08 -18.49
CA ASP A 172 -2.33 10.80 -17.72
C ASP A 172 -3.43 9.84 -17.26
N SER A 173 -3.84 10.01 -16.00
CA SER A 173 -4.92 9.22 -15.43
C SER A 173 -6.06 10.12 -15.02
N ASP A 174 -7.29 9.63 -15.18
CA ASP A 174 -8.47 10.32 -14.69
C ASP A 174 -8.73 10.08 -13.22
N GLY A 175 -7.86 9.32 -12.54
CA GLY A 175 -8.16 8.92 -11.18
C GLY A 175 -8.24 10.11 -10.24
N GLU A 176 -9.27 10.09 -9.37
CA GLU A 176 -9.46 11.11 -8.35
C GLU A 176 -9.70 10.56 -6.96
N PHE A 177 -10.03 9.28 -6.82
CA PHE A 177 -10.24 8.68 -5.51
C PHE A 177 -10.23 7.17 -5.68
N TYR A 178 -10.37 6.46 -4.55
CA TYR A 178 -10.33 5.01 -4.52
C TYR A 178 -11.67 4.46 -4.06
N SER A 179 -12.14 3.44 -4.75
CA SER A 179 -13.40 2.77 -4.43
C SER A 179 -13.12 1.35 -3.95
N GLU A 180 -14.01 0.42 -4.29
CA GLU A 180 -13.96 -0.92 -3.72
C GLU A 180 -12.63 -1.63 -3.93
N SER A 181 -12.19 -2.34 -2.89
CA SER A 181 -10.97 -3.15 -2.94
C SER A 181 -11.02 -4.11 -4.11
N VAL A 182 -9.88 -4.30 -4.77
CA VAL A 182 -9.84 -5.23 -5.90
C VAL A 182 -9.98 -6.68 -5.43
N GLY A 183 -9.47 -6.99 -4.25
CA GLY A 183 -9.73 -8.30 -3.67
C GLY A 183 -11.20 -8.54 -3.39
N ARG A 184 -11.92 -7.48 -3.00
CA ARG A 184 -13.34 -7.61 -2.76
C ARG A 184 -14.10 -7.95 -4.05
N VAL A 185 -13.67 -7.38 -5.17
CA VAL A 185 -14.30 -7.70 -6.45
C VAL A 185 -14.07 -9.16 -6.80
N ALA A 186 -12.86 -9.66 -6.59
CA ALA A 186 -12.59 -11.08 -6.86
C ALA A 186 -13.48 -11.97 -5.99
N LEU A 187 -13.62 -11.61 -4.71
CA LEU A 187 -14.54 -12.31 -3.82
C LEU A 187 -15.96 -12.25 -4.34
N ALA A 188 -16.36 -11.10 -4.89
CA ALA A 188 -17.72 -10.98 -5.44
C ALA A 188 -17.93 -11.91 -6.63
N ILE A 189 -16.92 -12.07 -7.49
CA ILE A 189 -17.02 -13.03 -8.58
C ILE A 189 -17.23 -14.44 -8.05
N ALA A 190 -16.42 -14.82 -7.06
CA ALA A 190 -16.51 -16.17 -6.52
C ALA A 190 -17.90 -16.44 -5.90
N LYS A 191 -18.45 -15.44 -5.21
CA LYS A 191 -19.75 -15.61 -4.58
C LYS A 191 -20.85 -15.77 -5.64
N LYS A 192 -20.81 -14.91 -6.67
CA LYS A 192 -21.84 -14.98 -7.71
C LYS A 192 -21.80 -16.31 -8.43
N LEU A 193 -20.61 -16.87 -8.61
CA LEU A 193 -20.45 -18.13 -9.37
C LEU A 193 -20.50 -19.36 -8.49
N ASN A 194 -20.83 -19.22 -7.22
CA ASN A 194 -20.88 -20.33 -6.26
C ASN A 194 -19.53 -21.04 -6.15
N LYS A 195 -18.45 -20.25 -6.16
CA LYS A 195 -17.10 -20.78 -6.07
C LYS A 195 -16.38 -20.29 -4.83
N VAL A 196 -17.11 -19.71 -3.87
CA VAL A 196 -16.45 -19.11 -2.73
C VAL A 196 -15.88 -20.21 -1.83
N GLU A 197 -14.64 -20.01 -1.39
CA GLU A 197 -14.02 -20.76 -0.32
C GLU A 197 -13.83 -19.80 0.86
N ASN A 198 -14.12 -20.26 2.07
CA ASN A 198 -14.22 -19.30 3.16
C ASN A 198 -12.87 -18.63 3.49
N ASP A 199 -11.75 -19.26 3.11
CA ASP A 199 -10.44 -18.58 3.27
C ASP A 199 -10.38 -17.27 2.49
N TYR A 201 -12.25 -14.89 2.58
CA TYR A 201 -12.58 -13.74 3.43
C TYR A 201 -11.36 -13.24 4.21
N TRP A 202 -10.49 -14.14 4.65
CA TRP A 202 -9.21 -13.72 5.24
C TRP A 202 -8.41 -12.89 4.25
N TYR A 203 -8.28 -13.38 3.02
CA TYR A 203 -7.54 -12.62 2.00
C TYR A 203 -8.23 -11.28 1.74
N ALA A 204 -9.56 -11.31 1.57
CA ALA A 204 -10.27 -10.06 1.32
C ALA A 204 -10.11 -9.09 2.49
N ALA A 205 -10.13 -9.60 3.73
CA ALA A 205 -9.91 -8.73 4.87
C ALA A 205 -8.54 -8.07 4.81
N ILE A 206 -7.51 -8.82 4.42
CA ILE A 206 -6.17 -8.27 4.27
C ILE A 206 -6.16 -7.17 3.22
N GLY A 207 -6.89 -7.39 2.12
CA GLY A 207 -6.94 -6.40 1.05
C GLY A 207 -7.54 -5.08 1.49
N VAL A 208 -8.65 -5.11 2.23
CA VAL A 208 -9.27 -3.87 2.66
C VAL A 208 -8.46 -3.22 3.78
N CYS A 209 -7.83 -4.03 4.65
CA CYS A 209 -6.89 -3.47 5.61
C CYS A 209 -5.75 -2.74 4.90
N ASP A 210 -5.25 -3.31 3.79
CA ASP A 210 -4.22 -2.64 2.99
C ASP A 210 -4.71 -1.28 2.51
N GLN A 211 -5.94 -1.21 1.99
CA GLN A 211 -6.47 0.09 1.57
C GLN A 211 -6.48 1.09 2.70
N TYR A 212 -6.88 0.67 3.90
CA TYR A 212 -6.96 1.61 5.02
C TYR A 212 -5.58 2.03 5.48
N ILE A 213 -4.66 1.07 5.66
CA ILE A 213 -3.28 1.39 6.00
C ILE A 213 -2.69 2.36 5.00
N SER A 214 -2.97 2.14 3.70
CA SER A 214 -2.37 2.93 2.63
C SER A 214 -3.03 4.28 2.43
N LEU A 215 -4.03 4.63 3.24
CA LEU A 215 -4.69 5.93 3.21
C LEU A 215 -5.58 6.12 1.98
N LYS A 216 -6.13 5.02 1.46
CA LYS A 216 -7.00 5.07 0.29
C LYS A 216 -8.48 5.06 0.65
N ILE A 217 -8.84 4.60 1.84
CA ILE A 217 -10.23 4.61 2.31
C ILE A 217 -10.27 5.10 3.75
N ASN A 218 -11.43 5.59 4.16
CA ASN A 218 -11.62 6.05 5.52
C ASN A 218 -12.12 4.91 6.43
N ALA A 219 -12.18 5.21 7.72
CA ALA A 219 -12.51 4.19 8.70
C ALA A 219 -13.94 3.69 8.54
N LYS A 220 -14.87 4.56 8.17
CA LYS A 220 -16.25 4.12 7.97
C LYS A 220 -16.33 3.10 6.83
N THR A 221 -15.59 3.33 5.76
CA THR A 221 -15.57 2.37 4.66
C THR A 221 -14.96 1.05 5.09
N TYR A 222 -13.88 1.11 5.86
CA TYR A 222 -13.30 -0.11 6.39
C TYR A 222 -14.29 -0.89 7.24
N VAL A 223 -14.95 -0.21 8.17
CA VAL A 223 -15.86 -0.91 9.08
C VAL A 223 -17.00 -1.54 8.30
N HIS A 224 -17.50 -0.83 7.29
CA HIS A 224 -18.58 -1.38 6.46
C HIS A 224 -18.13 -2.65 5.74
N ALA A 225 -16.88 -2.69 5.30
CA ALA A 225 -16.37 -3.90 4.65
C ALA A 225 -16.34 -5.06 5.63
N ILE A 226 -15.85 -4.83 6.84
CA ILE A 226 -15.84 -5.87 7.85
C ILE A 226 -17.26 -6.38 8.11
N GLN A 227 -18.22 -5.46 8.20
CA GLN A 227 -19.60 -5.88 8.44
C GLN A 227 -20.10 -6.82 7.34
N TYR A 228 -19.65 -6.61 6.10
CA TYR A 228 -20.01 -7.52 5.01
C TYR A 228 -19.48 -8.92 5.28
N PHE A 229 -18.22 -9.01 5.77
CA PHE A 229 -17.65 -10.31 6.09
C PHE A 229 -18.40 -10.94 7.27
N ILE A 230 -18.72 -10.12 8.29
CA ILE A 230 -19.46 -10.63 9.45
C ILE A 230 -20.80 -11.20 9.02
N ASP A 231 -21.50 -10.51 8.12
CA ASP A 231 -22.80 -10.95 7.67
C ASP A 231 -22.70 -12.27 6.91
N ASN A 232 -21.72 -12.37 6.01
CA ASN A 232 -21.66 -13.57 5.18
C ASN A 232 -21.11 -14.79 5.93
N LEU A 233 -20.29 -14.58 6.94
CA LEU A 233 -19.78 -15.66 7.78
C LEU A 233 -20.58 -15.83 9.06
N GLN A 234 -21.61 -15.02 9.27
CA GLN A 234 -22.46 -15.10 10.46
C GLN A 234 -21.64 -15.05 11.75
N LEU A 235 -20.75 -14.06 11.82
CA LEU A 235 -19.91 -13.85 12.99
C LEU A 235 -20.55 -12.81 13.92
N GLU A 236 -20.01 -12.71 15.11
CA GLU A 236 -20.33 -11.65 16.06
C GLU A 236 -19.06 -10.86 16.36
N THR A 237 -19.22 -9.55 16.58
CA THR A 237 -18.08 -8.70 16.92
C THR A 237 -17.79 -8.92 18.40
N LEU A 238 -16.62 -9.49 18.70
CA LEU A 238 -16.24 -9.80 20.07
C LEU A 238 -15.63 -8.57 20.74
N GLU A 239 -15.65 -8.60 22.07
CA GLU A 239 -15.18 -7.45 22.84
C GLU A 239 -13.67 -7.36 22.83
N ILE A 240 -13.17 -6.14 23.08
CA ILE A 240 -11.74 -5.88 23.00
C ILE A 240 -10.97 -6.70 24.02
N THR A 241 -11.62 -7.08 25.13
CA THR A 241 -10.97 -7.89 26.15
C THR A 241 -10.90 -9.38 25.80
N ASP A 242 -11.52 -9.80 24.70
CA ASP A 242 -11.57 -11.21 24.36
C ASP A 242 -10.25 -11.66 23.76
N LEU A 243 -9.67 -12.71 24.34
CA LEU A 243 -8.41 -13.25 23.85
C LEU A 243 -8.60 -14.38 22.85
N LEU A 244 -9.85 -14.76 22.57
CA LEU A 244 -10.23 -15.60 21.44
C LEU A 244 -9.89 -17.07 21.64
N GLN A 245 -9.48 -17.48 22.84
CA GLN A 245 -9.07 -18.86 23.06
C GLN A 245 -10.24 -19.83 23.04
N THR A 246 -11.47 -19.34 23.17
CA THR A 246 -12.65 -20.18 23.19
C THR A 246 -13.50 -20.08 21.92
N VAL A 247 -13.12 -19.24 20.96
CA VAL A 247 -13.96 -19.09 19.77
C VAL A 247 -13.86 -20.36 18.94
N LYS A 248 -15.00 -20.81 18.43
CA LYS A 248 -15.10 -22.07 17.71
C LYS A 248 -14.99 -21.94 16.20
N THR A 249 -14.91 -20.71 15.68
CA THR A 249 -14.82 -20.48 14.24
C THR A 249 -13.35 -20.29 13.84
N PRO A 250 -12.98 -20.67 12.61
CA PRO A 250 -11.58 -20.49 12.18
C PRO A 250 -11.18 -19.07 11.93
N CYS A 252 -12.58 -14.80 13.03
CA CYS A 252 -13.49 -14.06 13.89
C CYS A 252 -13.16 -12.58 13.80
N VAL A 253 -13.99 -11.77 14.46
CA VAL A 253 -13.84 -10.32 14.52
C VAL A 253 -13.95 -9.87 15.95
N LYS A 254 -13.06 -8.99 16.39
CA LYS A 254 -13.19 -8.39 17.70
C LYS A 254 -12.79 -6.92 17.62
N ASP A 256 -10.72 -3.78 18.52
CA ASP A 256 -9.28 -3.83 18.70
C ASP A 256 -8.74 -2.41 18.78
N CYS A 257 -7.53 -2.29 19.28
CA CYS A 257 -6.79 -1.02 19.38
C CYS A 257 -5.71 -1.01 18.31
N GLN A 258 -5.89 -0.18 17.28
CA GLN A 258 -5.14 -0.35 16.04
C GLN A 258 -3.79 0.37 16.07
N LEU A 259 -3.00 0.03 17.08
CA LEU A 259 -1.59 0.41 17.09
C LEU A 259 -0.81 -0.61 16.27
N LEU A 261 1.10 -3.34 14.74
CA LEU A 261 1.75 -4.59 15.14
C LEU A 261 1.89 -4.75 16.64
N LEU A 262 0.99 -4.12 17.42
CA LEU A 262 1.09 -4.13 18.87
C LEU A 262 1.32 -5.54 19.44
N ARG A 263 0.49 -6.50 19.05
CA ARG A 263 0.62 -7.84 19.62
C ARG A 263 1.94 -8.49 19.28
N HIS A 264 2.63 -8.01 18.24
CA HIS A 264 3.88 -8.60 17.77
C HIS A 264 5.06 -7.69 18.05
N TRP A 265 4.88 -6.75 18.97
CA TRP A 265 5.90 -5.74 19.25
C TRP A 265 5.85 -5.47 20.76
N THR A 266 6.08 -4.21 21.14
CA THR A 266 5.98 -3.75 22.52
C THR A 266 5.02 -2.57 22.55
N LEU A 267 4.40 -2.32 23.70
CA LEU A 267 3.53 -1.16 23.82
C LEU A 267 4.31 0.12 23.51
N TYR A 268 5.50 0.24 24.08
CA TYR A 268 6.31 1.45 23.95
C TYR A 268 6.58 1.79 22.50
N ASP A 269 7.10 0.82 21.74
CA ASP A 269 7.50 1.09 20.37
C ASP A 269 6.34 1.06 19.40
N SER A 270 5.32 0.24 19.65
CA SER A 270 4.15 0.26 18.76
C SER A 270 3.48 1.62 18.83
N LEU A 271 3.28 2.14 20.04
CA LEU A 271 2.64 3.44 20.18
C LEU A 271 3.47 4.54 19.53
N PHE A 272 4.78 4.52 19.72
CA PHE A 272 5.64 5.59 19.21
C PHE A 272 5.67 5.58 17.68
N HIS A 273 5.48 4.44 17.04
CA HIS A 273 5.59 4.33 15.59
C HIS A 273 4.26 4.27 14.85
N THR A 274 3.14 4.41 15.55
CA THR A 274 1.83 4.52 14.91
C THR A 274 1.63 5.98 14.51
N ARG A 275 1.69 6.24 13.20
CA ARG A 275 1.96 7.58 12.72
C ARG A 275 0.87 8.57 13.09
N GLU A 276 -0.39 8.19 12.90
CA GLU A 276 -1.45 9.16 13.18
C GLU A 276 -1.54 9.47 14.66
N ILE A 277 -1.28 8.46 15.50
CA ILE A 277 -1.37 8.67 16.94
C ILE A 277 -0.19 9.47 17.44
N ALA A 278 1.02 9.10 16.99
CA ALA A 278 2.21 9.87 17.38
C ALA A 278 2.09 11.33 16.98
N SER A 279 1.55 11.59 15.79
CA SER A 279 1.38 12.97 15.34
C SER A 279 0.44 13.74 16.25
N LYS A 280 -0.67 13.12 16.66
CA LYS A 280 -1.66 13.78 17.48
C LYS A 280 -1.21 13.94 18.92
N LEU A 281 -0.37 13.02 19.41
CA LEU A 281 0.19 13.16 20.75
C LEU A 281 1.37 14.10 20.80
N GLY A 282 1.91 14.51 19.65
CA GLY A 282 3.01 15.46 19.64
C GLY A 282 4.32 14.88 20.15
N ILE A 283 4.52 13.57 20.04
CA ILE A 283 5.71 12.94 20.59
C ILE A 283 6.85 12.86 19.59
N TRP A 284 6.67 13.37 18.37
CA TRP A 284 7.76 13.43 17.39
C TRP A 284 8.38 14.81 17.32
N THR A 285 8.11 15.64 18.29
CA THR A 285 8.67 16.99 18.32
C THR A 285 10.07 16.95 18.96
N SER A 286 10.66 18.12 19.17
CA SER A 286 11.97 18.18 19.81
C SER A 286 11.87 17.65 21.24
N ARG A 287 12.81 16.79 21.62
CA ARG A 287 12.74 16.07 22.89
C ARG A 287 11.48 15.22 22.99
N GLY A 288 10.97 14.78 21.83
CA GLY A 288 9.73 14.04 21.82
C GLY A 288 9.77 12.78 22.67
N LYS A 289 10.96 12.21 22.87
CA LYS A 289 11.07 11.00 23.69
C LYS A 289 10.89 11.30 25.16
N GLU A 290 11.32 12.49 25.62
CA GLU A 290 11.04 12.88 26.99
C GLU A 290 9.55 13.05 27.22
N LYS A 291 8.86 13.71 26.28
CA LYS A 291 7.42 13.85 26.39
C LYS A 291 6.75 12.48 26.35
N PHE A 292 7.26 11.57 25.53
CA PHE A 292 6.68 10.23 25.42
C PHE A 292 6.79 9.50 26.76
N ASP A 293 7.99 9.49 27.35
CA ASP A 293 8.17 8.83 28.64
C ASP A 293 7.23 9.40 29.70
N VAL A 294 6.95 10.71 29.63
CA VAL A 294 6.00 11.31 30.56
C VAL A 294 4.61 10.76 30.33
N LEU A 295 4.23 10.55 29.06
CA LEU A 295 2.95 9.96 28.75
C LEU A 295 2.86 8.53 29.30
N ILE A 296 3.91 7.74 29.13
CA ILE A 296 3.89 6.36 29.62
C ILE A 296 3.71 6.35 31.13
N ALA A 297 4.42 7.25 31.82
CA ALA A 297 4.29 7.36 33.27
C ALA A 297 2.88 7.81 33.67
N ASP A 298 2.26 8.67 32.88
CA ASP A 298 0.90 9.10 33.15
C ASP A 298 -0.08 7.95 33.15
N GLY A 300 0.59 5.11 34.32
CA GLY A 300 0.95 4.28 35.44
C GLY A 300 1.62 2.99 35.07
N ILE A 301 2.28 2.95 33.92
CA ILE A 301 2.96 1.75 33.44
C ILE A 301 4.46 1.98 33.51
N PRO A 302 5.21 1.17 34.25
CA PRO A 302 6.67 1.34 34.25
C PRO A 302 7.27 0.98 32.89
N LEU A 303 8.42 1.57 32.61
CA LEU A 303 9.09 1.28 31.33
C LEU A 303 9.47 -0.19 31.22
N SER A 304 9.75 -0.85 32.34
CA SER A 304 10.08 -2.27 32.29
C SER A 304 8.92 -3.10 31.78
N GLN A 305 7.70 -2.63 31.99
CA GLN A 305 6.51 -3.29 31.44
C GLN A 305 6.21 -2.83 30.04
N ALA A 306 6.30 -1.52 29.78
CA ALA A 306 5.93 -1.00 28.47
C ALA A 306 6.91 -1.45 27.38
N GLN A 307 8.15 -1.75 27.76
CA GLN A 307 9.20 -2.06 26.79
C GLN A 307 9.48 -3.56 26.66
N GLN A 308 8.77 -4.41 27.37
CA GLN A 308 8.86 -5.83 27.07
C GLN A 308 7.79 -6.20 26.03
N SER A 309 7.92 -7.41 25.48
CA SER A 309 6.95 -7.89 24.50
C SER A 309 5.53 -7.74 25.04
N TYR A 310 4.64 -7.20 24.20
CA TYR A 310 3.25 -7.02 24.61
C TYR A 310 2.62 -8.32 25.03
N LYS A 311 3.01 -9.43 24.40
CA LYS A 311 2.42 -10.71 24.75
C LYS A 311 2.76 -11.13 26.19
N THR A 312 3.90 -10.68 26.71
CA THR A 312 4.25 -11.03 28.09
C THR A 312 3.98 -9.93 29.09
N SER A 314 1.93 -7.81 31.58
CA SER A 314 0.84 -8.34 32.39
C SER A 314 -0.49 -7.80 31.88
N LEU A 315 -1.55 -8.58 32.12
CA LEU A 315 -2.90 -8.14 31.75
C LEU A 315 -3.30 -6.91 32.55
N GLU A 316 -2.83 -6.79 33.79
CA GLU A 316 -3.10 -5.60 34.57
C GLU A 316 -2.57 -4.36 33.88
N LYS A 318 -2.06 -4.14 30.61
CA LYS A 318 -2.85 -3.99 29.39
C LYS A 318 -4.16 -3.26 29.69
N ASN A 319 -4.79 -3.60 30.82
CA ASN A 319 -6.05 -2.97 31.21
C ASN A 319 -5.83 -1.48 31.47
N LYS A 320 -4.73 -1.12 32.13
CA LYS A 320 -4.42 0.28 32.37
C LYS A 320 -4.22 1.02 31.05
N PHE A 321 -3.46 0.43 30.13
CA PHE A 321 -3.20 1.04 28.83
C PHE A 321 -4.50 1.28 28.08
N LEU A 322 -5.35 0.26 27.99
CA LEU A 322 -6.60 0.40 27.25
C LEU A 322 -7.47 1.51 27.85
N LEU A 323 -7.62 1.54 29.16
CA LEU A 323 -8.48 2.54 29.77
C LEU A 323 -7.92 3.94 29.55
N LYS A 324 -6.60 4.10 29.72
CA LYS A 324 -5.99 5.41 29.52
C LYS A 324 -6.10 5.85 28.06
N GLU A 326 -8.34 4.97 25.84
CA GLU A 326 -9.71 5.37 25.59
C GLU A 326 -9.91 6.84 25.91
N GLY A 327 -9.45 7.28 27.08
CA GLY A 327 -9.55 8.69 27.43
C GLY A 327 -8.72 9.58 26.53
N TYR A 328 -7.46 9.21 26.31
CA TYR A 328 -6.61 10.00 25.43
C TYR A 328 -7.26 10.16 24.06
N SER A 329 -7.94 9.12 23.58
CA SER A 329 -8.47 9.15 22.21
C SER A 329 -9.57 10.18 22.08
N LYS A 330 -10.30 10.46 23.16
CA LYS A 330 -11.33 11.49 23.13
C LYS A 330 -10.70 12.88 23.27
N PHE A 331 -9.67 13.00 24.11
CA PHE A 331 -9.03 14.29 24.33
C PHE A 331 -8.28 14.75 23.09
N TYR A 332 -7.52 13.85 22.45
CA TYR A 332 -6.72 14.17 21.29
C TYR A 332 -7.40 13.79 19.98
N HIS A 333 -8.65 13.32 20.03
CA HIS A 333 -9.44 13.02 18.84
C HIS A 333 -8.76 12.03 17.90
N PHE A 334 -8.48 10.85 18.44
CA PHE A 334 -8.17 9.70 17.60
C PHE A 334 -9.06 8.52 18.00
N GLU A 335 -10.36 8.76 18.04
CA GLU A 335 -11.32 7.72 18.39
C GLU A 335 -11.33 6.58 17.38
N ASN A 336 -10.96 6.86 16.13
CA ASN A 336 -10.85 5.82 15.10
C ASN A 336 -9.68 4.88 15.37
N LEU A 337 -8.94 5.07 16.46
CA LEU A 337 -7.95 4.06 16.83
C LEU A 337 -8.63 2.74 17.17
N PHE A 338 -9.87 2.79 17.64
CA PHE A 338 -10.58 1.57 18.03
C PHE A 338 -11.47 1.17 16.86
N LEU A 339 -11.09 0.09 16.20
CA LEU A 339 -11.82 -0.45 15.06
C LEU A 339 -11.81 -1.96 15.18
N PRO A 340 -12.81 -2.64 14.62
CA PRO A 340 -12.78 -4.10 14.61
C PRO A 340 -11.61 -4.63 13.79
N SER A 341 -11.00 -5.69 14.29
CA SER A 341 -9.97 -6.45 13.59
C SER A 341 -10.53 -7.80 13.19
N PHE A 342 -10.13 -8.27 12.00
CA PHE A 342 -10.50 -9.59 11.48
C PHE A 342 -9.31 -10.53 11.72
N PHE A 343 -9.58 -11.68 12.32
CA PHE A 343 -8.53 -12.60 12.72
C PHE A 343 -8.71 -13.97 12.05
N LYS A 344 -7.60 -14.64 11.77
CA LYS A 344 -7.62 -16.04 11.36
C LYS A 344 -6.73 -16.82 12.32
N LYS A 345 -7.22 -17.99 12.75
CA LYS A 345 -6.46 -18.86 13.66
C LYS A 345 -5.44 -19.68 12.87
N PHE A 346 -4.20 -19.67 13.36
CA PHE A 346 -3.11 -20.46 12.79
C PHE A 346 -2.66 -21.41 13.90
N GLY A 347 -3.06 -22.69 13.80
CA GLY A 347 -2.80 -23.61 14.88
C GLY A 347 -3.48 -23.15 16.15
N ASP A 349 -2.60 -20.21 17.56
CA ASP A 349 -2.26 -18.78 17.59
C ASP A 349 -3.38 -18.00 16.92
N TYR A 350 -4.07 -17.17 17.72
CA TYR A 350 -5.14 -16.28 17.23
C TYR A 350 -4.74 -14.82 17.36
N SER A 351 -3.45 -14.53 17.32
CA SER A 351 -2.95 -13.17 17.54
C SER A 351 -2.69 -12.38 16.26
N ILE A 352 -2.89 -12.98 15.09
CA ILE A 352 -2.60 -12.32 13.84
C ILE A 352 -3.90 -11.82 13.22
N SER A 353 -4.07 -10.50 13.20
CA SER A 353 -5.21 -9.88 12.53
C SER A 353 -4.88 -9.59 11.07
N ALA A 354 -5.91 -9.24 10.31
CA ALA A 354 -5.70 -8.86 8.91
C ALA A 354 -4.93 -7.56 8.80
N PHE A 355 -4.94 -6.69 9.83
CA PHE A 355 -4.05 -5.54 9.82
C PHE A 355 -2.60 -5.97 10.00
N ASP A 356 -2.35 -6.88 10.95
CA ASP A 356 -1.00 -7.38 11.15
C ASP A 356 -0.47 -7.99 9.85
N ALA A 357 -1.29 -8.82 9.22
CA ALA A 357 -0.89 -9.49 7.98
C ALA A 357 -0.66 -8.49 6.86
N ALA A 358 -1.54 -7.47 6.73
CA ALA A 358 -1.31 -6.46 5.71
C ALA A 358 -0.01 -5.68 5.94
N HIS A 359 0.30 -5.37 7.20
CA HIS A 359 1.57 -4.71 7.48
C HIS A 359 2.74 -5.61 7.08
N ALA A 360 2.66 -6.88 7.43
CA ALA A 360 3.75 -7.80 7.19
C ALA A 360 3.96 -7.99 5.69
N ILE A 361 2.88 -8.24 4.96
CA ILE A 361 3.00 -8.45 3.51
C ILE A 361 3.43 -7.17 2.82
N GLY A 362 2.87 -6.02 3.25
CA GLY A 362 3.28 -4.75 2.67
C GLY A 362 4.77 -4.51 2.83
N SER A 363 5.32 -4.90 3.98
CA SER A 363 6.75 -4.79 4.19
C SER A 363 7.53 -5.74 3.31
N ILE A 364 7.07 -6.99 3.18
CA ILE A 364 7.78 -7.95 2.33
C ILE A 364 7.90 -7.44 0.89
N ILE A 365 6.84 -6.82 0.36
CA ILE A 365 6.86 -6.37 -1.03
C ILE A 365 7.49 -4.99 -1.20
N THR A 366 7.99 -4.39 -0.12
CA THR A 366 8.75 -3.16 -0.22
C THR A 366 10.19 -3.50 -0.57
N ASN A 367 10.71 -2.93 -1.66
CA ASN A 367 12.12 -3.14 -2.03
C ASN A 367 13.02 -2.53 -0.97
N ASP A 368 13.90 -3.34 -0.38
CA ASP A 368 14.73 -2.89 0.72
C ASP A 368 16.15 -3.42 0.65
N GLU A 369 16.51 -4.09 -0.43
CA GLU A 369 17.88 -4.48 -0.74
C GLU A 369 18.10 -4.23 -2.22
N PRO A 370 19.34 -4.06 -2.65
CA PRO A 370 19.58 -3.72 -4.06
C PRO A 370 19.08 -4.76 -5.03
N ASP A 371 19.03 -6.03 -4.64
CA ASP A 371 18.57 -7.07 -5.57
C ASP A 371 17.09 -7.38 -5.45
N GLN A 372 16.33 -6.60 -4.68
CA GLN A 372 14.89 -6.76 -4.58
C GLN A 372 14.20 -5.94 -5.65
N ASN A 373 13.17 -6.53 -6.25
CA ASN A 373 12.36 -5.84 -7.25
C ASN A 373 10.96 -6.42 -7.18
N TRP A 374 10.01 -5.71 -7.79
CA TRP A 374 8.62 -6.15 -7.72
C TRP A 374 8.40 -7.50 -8.40
N GLN A 375 9.12 -7.79 -9.49
CA GLN A 375 8.94 -9.08 -10.15
C GLN A 375 9.20 -10.25 -9.19
N GLN A 376 10.19 -10.11 -8.32
CA GLN A 376 10.47 -11.15 -7.32
C GLN A 376 9.62 -10.98 -6.07
N GLN A 377 9.47 -9.75 -5.59
CA GLN A 377 8.81 -9.55 -4.31
C GLN A 377 7.32 -9.86 -4.40
N PHE A 378 6.72 -9.73 -5.59
CA PHE A 378 5.33 -10.19 -5.74
C PHE A 378 5.16 -11.61 -5.24
N TRP A 379 6.07 -12.52 -5.62
CA TRP A 379 5.93 -13.92 -5.26
C TRP A 379 6.20 -14.16 -3.79
N GLU A 380 7.09 -13.37 -3.18
CA GLU A 380 7.28 -13.45 -1.75
C GLU A 380 6.01 -13.02 -1.01
N GLY A 381 5.36 -11.95 -1.49
CA GLY A 381 4.13 -11.51 -0.84
C GLY A 381 3.00 -12.52 -1.02
N PHE A 382 2.90 -13.09 -2.22
CA PHE A 382 1.91 -14.15 -2.50
C PHE A 382 2.12 -15.34 -1.59
N LYS A 383 3.38 -15.76 -1.43
CA LYS A 383 3.69 -16.89 -0.57
C LYS A 383 3.30 -16.61 0.87
N LEU A 384 3.60 -15.41 1.38
CA LEU A 384 3.21 -15.09 2.76
C LEU A 384 1.68 -15.03 2.88
N LEU A 385 1.02 -14.33 1.96
CA LEU A 385 -0.44 -14.27 1.97
C LEU A 385 -1.03 -15.68 2.04
N SER A 386 -0.44 -16.62 1.30
CA SER A 386 -0.97 -17.96 1.21
C SER A 386 -0.65 -18.82 2.42
N SER A 387 0.11 -18.32 3.38
CA SER A 387 0.52 -19.14 4.50
C SER A 387 -0.68 -19.67 5.28
N THR A 388 -0.58 -20.94 5.67
CA THR A 388 -1.53 -21.56 6.58
C THR A 388 -0.96 -21.70 7.99
N THR A 389 0.21 -21.11 8.25
CA THR A 389 0.85 -21.17 9.54
C THR A 389 1.23 -19.75 9.99
N ALA A 390 1.51 -19.60 11.29
CA ALA A 390 1.83 -18.29 11.85
C ALA A 390 3.31 -17.94 11.67
N GLU A 391 4.18 -18.93 11.74
CA GLU A 391 5.61 -18.65 11.77
C GLU A 391 6.12 -17.84 10.58
N PRO A 392 5.64 -18.04 9.36
CA PRO A 392 6.17 -17.21 8.26
C PRO A 392 5.98 -15.72 8.49
N TYR A 393 4.93 -15.32 9.20
CA TYR A 393 4.67 -13.90 9.38
C TYR A 393 5.74 -13.22 10.23
N ASP A 394 6.52 -13.99 11.00
CA ASP A 394 7.53 -13.37 11.85
C ASP A 394 8.52 -12.55 11.03
N PHE A 395 8.92 -13.05 9.86
CA PHE A 395 9.87 -12.34 9.01
C PHE A 395 9.28 -11.01 8.55
N GLY A 396 8.00 -11.01 8.17
CA GLY A 396 7.35 -9.76 7.77
C GLY A 396 7.20 -8.79 8.93
N PHE A 397 6.80 -9.27 10.10
CA PHE A 397 6.74 -8.41 11.27
C PHE A 397 8.10 -7.78 11.54
N ALA A 398 9.16 -8.59 11.46
CA ALA A 398 10.50 -8.07 11.77
C ALA A 398 10.93 -7.01 10.76
N LYS A 399 10.66 -7.26 9.47
CA LYS A 399 11.05 -6.28 8.46
C LYS A 399 10.29 -4.97 8.64
N CYS A 400 8.99 -5.07 8.94
CA CYS A 400 8.18 -3.88 9.17
C CYS A 400 8.68 -3.10 10.38
N ILE A 401 8.96 -3.82 11.48
CA ILE A 401 9.41 -3.17 12.70
C ILE A 401 10.75 -2.47 12.47
N GLU A 402 11.69 -3.17 11.86
CA GLU A 402 13.01 -2.59 11.62
C GLU A 402 12.91 -1.37 10.71
N SER A 403 12.14 -1.44 9.63
N SER A 403 12.14 -1.45 9.62
CA SER A 403 12.06 -0.30 8.71
CA SER A 403 12.03 -0.32 8.71
C SER A 403 11.41 0.90 9.39
C SER A 403 11.43 0.88 9.41
N ASN A 404 10.34 0.68 10.15
CA ASN A 404 9.70 1.80 10.81
C ASN A 404 10.59 2.41 11.90
N LYS A 405 11.39 1.60 12.62
CA LYS A 405 12.30 2.17 13.60
C LYS A 405 13.34 3.06 12.91
N ASN A 406 13.86 2.63 11.76
N ASN A 406 13.85 2.62 11.76
CA ASN A 406 14.86 3.42 11.07
CA ASN A 406 14.85 3.41 11.05
C ASN A 406 14.25 4.67 10.44
C ASN A 406 14.25 4.67 10.45
N LEU A 407 13.07 4.55 9.84
CA LEU A 407 12.46 5.69 9.16
C LEU A 407 12.02 6.76 10.15
N VAL A 408 11.35 6.36 11.25
CA VAL A 408 10.88 7.33 12.23
C VAL A 408 12.06 8.07 12.85
N GLU A 409 13.10 7.32 13.23
CA GLU A 409 14.27 7.95 13.84
C GLU A 409 14.88 8.99 12.90
N THR A 410 15.17 8.59 11.65
CA THR A 410 15.74 9.53 10.69
C THR A 410 14.76 10.67 10.39
N GLY A 411 13.49 10.32 10.22
CA GLY A 411 12.52 11.31 9.76
C GLY A 411 12.30 12.41 10.78
N ILE A 412 12.24 12.04 12.05
CA ILE A 412 12.12 13.03 13.12
C ILE A 412 13.26 14.02 13.05
N ILE A 413 14.49 13.52 12.88
CA ILE A 413 15.65 14.41 12.78
C ILE A 413 15.48 15.39 11.64
N LEU A 414 15.10 14.88 10.47
CA LEU A 414 15.04 15.75 9.29
C LEU A 414 13.95 16.80 9.40
N LEU A 415 12.79 16.44 9.94
CA LEU A 415 11.74 17.44 10.11
C LEU A 415 12.12 18.50 11.13
N LEU A 416 13.08 18.20 12.01
CA LEU A 416 13.55 19.17 12.99
C LEU A 416 14.77 19.94 12.51
N SER A 417 15.67 19.29 11.77
CA SER A 417 16.93 19.88 11.38
C SER A 417 17.06 20.10 9.89
N GLY A 418 16.46 19.24 9.08
CA GLY A 418 16.67 19.25 7.65
C GLY A 418 16.24 20.54 6.99
N SER A 419 16.67 20.68 5.73
CA SER A 419 16.28 21.83 4.91
C SER A 419 15.03 21.43 4.12
N CYS A 420 13.89 21.53 4.79
N CYS A 420 13.90 21.45 4.81
CA CYS A 420 12.61 21.14 4.23
CA CYS A 420 12.62 21.12 4.19
C CYS A 420 11.71 22.37 4.08
C CYS A 420 11.77 22.38 4.05
N PHE A 421 11.15 22.55 2.89
CA PHE A 421 10.32 23.72 2.60
C PHE A 421 9.05 23.30 1.85
N ASN A 422 8.02 24.14 1.97
CA ASN A 422 6.79 24.00 1.17
C ASN A 422 6.87 25.02 0.03
N GLU A 423 6.98 24.52 -1.20
CA GLU A 423 7.15 25.37 -2.36
C GLU A 423 5.78 25.57 -3.00
N ALA A 424 5.18 26.73 -2.74
CA ALA A 424 3.98 27.20 -3.43
C ALA A 424 2.79 26.25 -3.27
N ASN A 425 2.76 25.48 -2.19
CA ASN A 425 1.72 24.48 -1.96
C ASN A 425 1.58 23.54 -3.16
N LYS A 426 2.68 23.28 -3.83
CA LYS A 426 2.74 22.29 -4.90
C LYS A 426 3.47 21.03 -4.47
N TYR A 427 4.50 21.18 -3.65
CA TYR A 427 5.28 20.06 -3.17
C TYR A 427 6.09 20.55 -2.00
N ARG A 428 6.49 19.61 -1.16
CA ARG A 428 7.51 19.84 -0.17
C ARG A 428 8.84 19.36 -0.73
N PHE A 429 9.90 20.07 -0.40
CA PHE A 429 11.24 19.74 -0.90
C PHE A 429 12.15 19.69 0.31
N CYS A 430 12.94 18.62 0.40
CA CYS A 430 13.90 18.48 1.49
C CYS A 430 15.20 17.94 0.91
N SER A 431 16.32 18.50 1.34
CA SER A 431 17.62 18.03 0.91
C SER A 431 18.46 17.66 2.11
N VAL A 432 19.19 16.57 1.99
CA VAL A 432 19.99 15.99 3.07
C VAL A 432 21.40 15.87 2.55
N SER A 433 22.35 16.54 3.22
CA SER A 433 23.74 16.38 2.88
C SER A 433 24.60 16.19 4.12
N ASP A 434 24.00 15.69 5.19
CA ASP A 434 24.75 15.31 6.39
C ASP A 434 25.39 13.95 6.16
N GLU A 435 26.65 13.81 6.60
CA GLU A 435 27.45 12.64 6.21
C GLU A 435 26.73 11.33 6.57
N LEU A 436 26.30 11.20 7.82
CA LEU A 436 25.77 9.93 8.31
C LEU A 436 24.42 9.58 7.66
N LEU A 437 23.48 10.53 7.68
CA LEU A 437 22.16 10.24 7.13
C LEU A 437 22.24 10.00 5.63
N SER A 438 23.11 10.73 4.93
CA SER A 438 23.19 10.63 3.49
C SER A 438 23.66 9.25 3.06
N ILE A 439 24.69 8.74 3.72
CA ILE A 439 25.25 7.45 3.33
C ILE A 439 24.20 6.36 3.53
N ARG A 440 23.31 6.54 4.51
CA ARG A 440 22.29 5.52 4.81
C ARG A 440 21.10 5.54 3.86
N PHE A 441 20.83 6.67 3.21
CA PHE A 441 19.64 6.78 2.37
C PHE A 441 19.93 7.22 0.95
N LYS A 442 21.19 7.12 0.50
CA LYS A 442 21.52 7.56 -0.84
C LYS A 442 21.09 6.57 -1.93
N THR A 443 20.77 5.34 -1.58
CA THR A 443 20.31 4.41 -2.61
C THR A 443 18.84 4.66 -2.91
N PRO A 444 18.41 4.52 -4.17
CA PRO A 444 17.01 4.84 -4.49
C PRO A 444 15.99 4.06 -3.65
N TYR A 445 16.19 2.76 -3.44
CA TYR A 445 15.16 2.01 -2.72
C TYR A 445 15.02 2.47 -1.27
N LYS A 446 16.11 2.91 -0.63
CA LYS A 446 16.01 3.49 0.70
C LYS A 446 15.45 4.91 0.67
N ALA A 447 15.95 5.76 -0.24
CA ALA A 447 15.44 7.12 -0.36
C ALA A 447 13.95 7.13 -0.60
N LEU A 448 13.45 6.18 -1.44
CA LEU A 448 12.02 6.13 -1.72
C LEU A 448 11.22 5.88 -0.44
N GLN A 449 11.74 4.98 0.42
CA GLN A 449 11.03 4.72 1.67
C GLN A 449 11.02 5.93 2.57
N LEU A 450 12.14 6.66 2.61
CA LEU A 450 12.19 7.84 3.45
C LEU A 450 11.29 8.93 2.91
N ALA A 451 11.27 9.11 1.58
CA ALA A 451 10.39 10.12 0.98
C ALA A 451 8.92 9.83 1.31
N GLN A 452 8.51 8.56 1.24
CA GLN A 452 7.14 8.17 1.56
C GLN A 452 6.83 8.49 3.01
N PHE A 453 7.74 8.17 3.91
CA PHE A 453 7.53 8.48 5.32
C PHE A 453 7.41 9.99 5.53
N LEU A 454 8.36 10.77 4.96
CA LEU A 454 8.35 12.19 5.18
C LEU A 454 7.13 12.84 4.57
N ALA A 455 6.65 12.33 3.44
CA ALA A 455 5.46 12.89 2.84
C ALA A 455 4.30 12.83 3.83
N GLU A 456 4.13 11.68 4.49
CA GLU A 456 3.08 11.53 5.48
C GLU A 456 3.37 12.32 6.75
N ALA A 457 4.57 12.20 7.31
CA ALA A 457 4.88 12.84 8.58
C ALA A 457 4.74 14.36 8.50
N SER A 458 5.28 14.96 7.44
CA SER A 458 5.15 16.42 7.29
C SER A 458 3.70 16.82 7.06
N SER A 459 2.96 16.04 6.27
CA SER A 459 1.55 16.38 6.02
C SER A 459 0.73 16.33 7.29
N ARG A 460 0.98 15.32 8.14
CA ARG A 460 0.28 15.28 9.43
C ARG A 460 0.70 16.41 10.35
N ARG A 461 1.98 16.75 10.36
CA ARG A 461 2.47 17.78 11.26
C ARG A 461 1.84 19.14 10.94
N TYR A 462 1.67 19.44 9.66
CA TYR A 462 1.15 20.73 9.23
C TYR A 462 -0.28 20.68 8.75
N LYS A 463 -0.93 19.53 8.81
CA LYS A 463 -2.32 19.37 8.42
C LYS A 463 -2.52 19.88 6.98
N LYS A 464 -1.61 19.45 6.10
CA LYS A 464 -1.62 19.88 4.71
C LYS A 464 -0.90 18.80 3.91
N TRP A 465 -1.65 18.05 3.08
CA TRP A 465 -1.07 16.95 2.31
C TRP A 465 -0.52 17.46 0.99
N LEU A 466 0.74 17.14 0.73
CA LEU A 466 1.44 17.50 -0.49
C LEU A 466 2.30 16.34 -0.93
N PRO A 467 2.60 16.26 -2.23
CA PRO A 467 3.67 15.37 -2.68
C PRO A 467 5.00 15.87 -2.15
N PHE A 468 5.98 14.98 -2.12
CA PHE A 468 7.24 15.22 -1.44
C PHE A 468 8.41 14.91 -2.37
N ILE A 469 9.37 15.84 -2.44
CA ILE A 469 10.58 15.68 -3.24
C ILE A 469 11.75 15.70 -2.28
N LEU A 470 12.54 14.62 -2.30
CA LEU A 470 13.64 14.42 -1.37
C LEU A 470 14.92 14.29 -2.16
N ALA A 471 15.92 15.07 -1.78
CA ALA A 471 17.26 15.01 -2.37
C ALA A 471 18.25 14.53 -1.32
N VAL A 472 18.98 13.45 -1.63
CA VAL A 472 19.95 12.87 -0.71
C VAL A 472 21.31 12.87 -1.35
N LEU A 473 22.30 13.40 -0.63
CA LEU A 473 23.66 13.46 -1.14
C LEU A 473 24.23 12.06 -1.31
N ASP A 474 24.77 11.79 -2.50
CA ASP A 474 25.62 10.63 -2.76
C ASP A 474 27.02 11.22 -2.92
N ALA A 475 27.77 11.26 -1.82
CA ALA A 475 29.02 12.00 -1.80
C ALA A 475 30.07 11.35 -2.69
N GLU A 476 30.06 10.01 -2.79
CA GLU A 476 31.01 9.32 -3.64
C GLU A 476 30.77 9.65 -5.11
N LYS A 477 29.52 9.67 -5.55
CA LYS A 477 29.19 9.96 -6.94
C LYS A 477 29.17 11.46 -7.22
N LYS A 478 29.20 12.32 -6.19
CA LYS A 478 29.13 13.75 -6.36
C LYS A 478 27.78 14.19 -6.93
N THR A 479 26.71 13.57 -6.42
CA THR A 479 25.37 13.80 -6.94
C THR A 479 24.40 13.91 -5.77
N PHE A 480 23.21 14.38 -6.08
CA PHE A 480 22.02 14.15 -5.25
C PHE A 480 21.13 13.15 -5.96
N VAL A 481 20.71 12.12 -5.23
CA VAL A 481 19.59 11.29 -5.66
C VAL A 481 18.32 12.07 -5.37
N ILE A 482 17.44 12.20 -6.36
CA ILE A 482 16.20 12.95 -6.23
C ILE A 482 15.04 11.97 -6.34
N VAL A 483 14.20 11.92 -5.32
CA VAL A 483 13.00 11.09 -5.33
C VAL A 483 11.79 12.00 -5.22
N GLY A 484 10.79 11.76 -6.06
CA GLY A 484 9.50 12.40 -5.94
C GLY A 484 8.44 11.35 -5.63
N TYR A 485 7.65 11.62 -4.59
CA TYR A 485 6.65 10.68 -4.14
C TYR A 485 5.31 11.38 -3.91
N SER A 486 4.24 10.75 -4.37
CA SER A 486 2.90 11.26 -4.20
C SER A 486 2.05 10.23 -3.46
N SER A 487 1.59 10.59 -2.25
CA SER A 487 0.77 9.63 -1.49
C SER A 487 -0.64 9.52 -2.07
N PRO A 488 -1.38 8.47 -1.70
CA PRO A 488 -2.75 8.33 -2.24
C PRO A 488 -3.66 9.48 -1.90
N ILE A 489 -3.41 10.20 -0.81
CA ILE A 489 -4.21 11.36 -0.48
C ILE A 489 -4.12 12.43 -1.56
N SER A 490 -3.01 12.49 -2.29
CA SER A 490 -2.79 13.50 -3.32
C SER A 490 -3.09 12.98 -4.73
N VAL A 491 -3.86 11.90 -4.86
CA VAL A 491 -4.02 11.27 -6.18
C VAL A 491 -4.65 12.23 -7.18
N LYS A 492 -5.48 13.16 -6.72
CA LYS A 492 -6.17 14.05 -7.64
C LYS A 492 -5.20 14.93 -8.43
N THR A 493 -4.02 15.19 -7.88
CA THR A 493 -3.04 16.05 -8.53
C THR A 493 -1.82 15.26 -9.00
N LEU A 494 -1.93 13.93 -9.09
CA LEU A 494 -0.78 13.12 -9.49
C LEU A 494 -0.39 13.37 -10.93
N ASN A 495 -1.38 13.56 -11.82
CA ASN A 495 -1.08 13.89 -13.21
C ASN A 495 -0.13 15.08 -13.28
N TYR A 496 -0.46 16.15 -12.57
CA TYR A 496 0.33 17.37 -12.64
C TYR A 496 1.69 17.17 -12.02
N PHE A 497 1.76 16.51 -10.85
CA PHE A 497 3.03 16.31 -10.16
C PHE A 497 3.97 15.49 -11.03
N GLY A 498 3.48 14.40 -11.61
CA GLY A 498 4.32 13.60 -12.48
C GLY A 498 4.73 14.35 -13.72
N ALA A 499 3.80 15.08 -14.33
CA ALA A 499 4.12 15.79 -15.57
C ALA A 499 5.22 16.82 -15.30
N LYS A 500 5.08 17.59 -14.22
CA LYS A 500 6.02 18.66 -13.98
C LYS A 500 7.35 18.15 -13.43
N PHE A 501 7.33 17.09 -12.63
CA PHE A 501 8.57 16.47 -12.19
C PHE A 501 9.36 15.95 -13.39
N THR A 502 8.67 15.31 -14.33
CA THR A 502 9.37 14.75 -15.48
C THR A 502 9.79 15.84 -16.45
N GLN A 503 8.96 16.87 -16.62
CA GLN A 503 9.32 18.00 -17.48
C GLN A 503 10.57 18.72 -16.94
N THR A 504 10.70 18.82 -15.61
CA THR A 504 11.90 19.42 -15.04
C THR A 504 13.13 18.59 -15.41
N ALA A 505 13.05 17.28 -15.22
CA ALA A 505 14.14 16.41 -15.63
C ALA A 505 14.48 16.59 -17.10
N GLN A 506 13.45 16.69 -17.95
CA GLN A 506 13.71 16.88 -19.39
C GLN A 506 14.44 18.20 -19.64
N ASN A 507 14.01 19.27 -18.98
CA ASN A 507 14.65 20.57 -19.17
C ASN A 507 16.09 20.56 -18.68
N LYS A 509 17.95 17.88 -18.62
CA LYS A 509 18.62 16.77 -19.29
C LYS A 509 19.25 15.81 -18.28
N ILE A 510 18.46 15.46 -17.28
CA ILE A 510 18.79 14.41 -16.33
C ILE A 510 17.83 13.24 -16.55
N SER A 511 18.25 12.06 -16.12
CA SER A 511 17.52 10.84 -16.44
C SER A 511 16.54 10.45 -15.35
N ILE A 512 15.39 9.92 -15.77
CA ILE A 512 14.47 9.29 -14.82
C ILE A 512 14.97 7.85 -14.64
N LEU A 513 15.73 7.61 -13.58
CA LEU A 513 16.35 6.31 -13.36
C LEU A 513 15.31 5.24 -13.07
N GLN A 514 14.21 5.61 -12.43
CA GLN A 514 13.17 4.67 -12.06
C GLN A 514 11.84 5.44 -12.00
N LYS A 515 10.76 4.75 -12.31
CA LYS A 515 9.45 5.33 -12.06
C LYS A 515 8.51 4.21 -11.68
N SER A 516 7.60 4.53 -10.79
CA SER A 516 6.53 3.62 -10.41
C SER A 516 5.20 4.29 -10.76
N PHE A 517 4.12 3.75 -10.27
CA PHE A 517 2.82 4.39 -10.47
C PHE A 517 2.66 5.66 -9.60
N ASP A 518 3.48 5.84 -8.54
CA ASP A 518 3.33 7.02 -7.70
C ASP A 518 4.66 7.69 -7.31
N SER A 519 5.76 7.38 -8.00
CA SER A 519 7.03 7.93 -7.60
C SER A 519 7.99 7.94 -8.79
N PHE A 520 9.03 8.74 -8.64
CA PHE A 520 10.06 8.91 -9.65
C PHE A 520 11.41 9.05 -8.96
N VAL A 521 12.46 8.61 -9.65
CA VAL A 521 13.83 8.78 -9.20
C VAL A 521 14.65 9.41 -10.33
N THR A 522 15.38 10.47 -10.00
CA THR A 522 16.37 11.02 -10.92
C THR A 522 17.62 11.33 -10.10
N GLU A 523 18.58 12.02 -10.71
CA GLU A 523 19.85 12.29 -10.06
C GLU A 523 20.45 13.54 -10.69
N ILE A 524 21.05 14.39 -9.88
CA ILE A 524 21.67 15.60 -10.35
C ILE A 524 23.11 15.67 -9.86
N HIS A 525 23.93 16.47 -10.56
CA HIS A 525 25.25 16.82 -10.04
C HIS A 525 25.07 17.65 -8.76
N ARG A 526 25.90 17.37 -7.76
CA ARG A 526 25.74 18.06 -6.47
C ARG A 526 25.73 19.56 -6.66
N GLU A 527 26.65 20.08 -7.46
CA GLU A 527 26.77 21.53 -7.62
C GLU A 527 25.53 22.17 -8.22
N ASN A 528 24.62 21.38 -8.80
CA ASN A 528 23.45 21.92 -9.47
C ASN A 528 22.20 21.89 -8.63
N LEU A 529 22.33 21.73 -7.32
CA LEU A 529 21.14 21.65 -6.47
C LEU A 529 20.28 22.90 -6.62
N VAL A 530 20.90 24.09 -6.55
CA VAL A 530 20.15 25.33 -6.66
C VAL A 530 19.53 25.47 -8.04
N LYS A 531 20.30 25.15 -9.08
CA LYS A 531 19.78 25.18 -10.44
C LYS A 531 18.57 24.27 -10.58
N TYR A 532 18.65 23.06 -10.04
CA TYR A 532 17.53 22.12 -10.11
C TYR A 532 16.33 22.62 -9.33
N LYS A 533 16.54 23.17 -8.13
CA LYS A 533 15.41 23.67 -7.37
C LYS A 533 14.71 24.80 -8.11
N LYS A 534 15.49 25.67 -8.76
CA LYS A 534 14.89 26.77 -9.52
C LYS A 534 14.08 26.25 -10.71
N ALA A 535 14.61 25.24 -11.40
CA ALA A 535 13.92 24.67 -12.54
C ALA A 535 12.64 23.96 -12.12
N LEU A 536 12.71 23.22 -11.02
CA LEU A 536 11.54 22.56 -10.48
C LEU A 536 10.46 23.57 -10.15
N HIS A 537 10.85 24.65 -9.46
CA HIS A 537 9.87 25.67 -9.07
C HIS A 537 9.23 26.31 -10.29
N LYS A 538 9.99 26.54 -11.35
CA LYS A 538 9.45 27.11 -12.58
C LYS A 538 8.45 26.18 -13.28
N PHE A 540 6.83 23.92 -11.90
CA PHE A 540 5.59 23.74 -11.13
C PHE A 540 4.77 25.04 -11.05
N THR A 541 5.27 26.11 -11.66
CA THR A 541 4.48 27.32 -11.86
C THR A 541 3.76 27.34 -13.20
N SER A 542 4.14 26.48 -14.14
CA SER A 542 3.57 26.49 -15.48
C SER A 542 2.24 25.73 -15.54
#